data_2FFF
#
_entry.id   2FFF
#
_cell.length_a   131.661
_cell.length_b   78.043
_cell.length_c   60.315
_cell.angle_alpha   90.00
_cell.angle_beta   113.02
_cell.angle_gamma   90.00
#
_symmetry.space_group_name_H-M   'C 1 2 1'
#
loop_
_entity.id
_entity.type
_entity.pdbx_description
1 polymer 'penicillin-binding protein 1B'
2 polymer 'penicillin-binding protein 1B'
3 non-polymer 'NICKEL (II) ION'
4 water water
#
loop_
_entity_poly.entity_id
_entity_poly.type
_entity_poly.pdbx_seq_one_letter_code
_entity_poly.pdbx_strand_id
1 'polypeptide(L)' ISEITYSDGTVIASI A
2 'polypeptide(L)'
;DYLYFTTLAEAQERMYDYLAQRDNVSAKELKNEATQKFYRDLAAKEIENGGYKITTTIDQKIHSAMQSAVADYGYLLDDG
TGRVEVGNVLMDNQTGAILGFVGGRNYQENQNNHAFDTKRSPASTTKPLLAYGIAIDQGLMGSETILSNYPTNFANGNPI
MYANSKGTGMMTLGEALNYSWNIPAYWTYRMLRENGVDVKGYMEKMGYEIPEYGIESLPMGGGIEVTVAQHTNGYQTLAN
NGVYHQKHVISKIEAADGRVVYEYQDKPVQVYSKATATIMQGLLREVLSSRVTTTFKSNLTSLNPTLANADWIGKTGTTN
QDENMWLMLSTPRLTLGGWIGHDDNHSLSRRAGYSNNSNYMAHLVNAIQQASPSIWGNERFALDPSVVKSEVLKSTGQKP
GKVSVEGKEVEVTGSTVTSYWANKSGAPATSYRFAIGGSDADYQNAWSSIVGS
;
B
#
loop_
_chem_comp.id
_chem_comp.type
_chem_comp.name
_chem_comp.formula
NI non-polymer 'NICKEL (II) ION' 'Ni 2'
#
# COMPACT_ATOMS: atom_id res chain seq x y z
N ILE A 1 32.95 -22.13 -4.18
CA ILE A 1 31.69 -21.66 -4.83
C ILE A 1 30.68 -21.09 -3.81
N SER A 2 30.13 -19.92 -4.11
CA SER A 2 29.08 -19.33 -3.30
C SER A 2 27.72 -19.69 -3.88
N GLU A 3 26.80 -20.09 -3.01
CA GLU A 3 25.45 -20.49 -3.43
C GLU A 3 24.37 -19.51 -2.88
N ILE A 4 23.35 -19.31 -3.71
CA ILE A 4 22.13 -18.60 -3.34
C ILE A 4 20.99 -19.61 -3.37
N THR A 5 20.25 -19.72 -2.28
CA THR A 5 19.19 -20.73 -2.19
C THR A 5 17.80 -20.15 -1.91
N TYR A 6 16.79 -20.90 -2.36
CA TYR A 6 15.42 -20.71 -1.93
C TYR A 6 15.34 -20.93 -0.42
N SER A 7 14.20 -20.61 0.17
CA SER A 7 14.00 -20.76 1.61
C SER A 7 14.25 -22.20 2.12
N ASP A 8 14.09 -23.19 1.23
CA ASP A 8 14.22 -24.61 1.59
C ASP A 8 15.61 -25.16 1.32
N GLY A 9 16.56 -24.28 1.04
CA GLY A 9 17.93 -24.68 0.78
C GLY A 9 18.24 -25.09 -0.66
N THR A 10 17.22 -25.23 -1.51
CA THR A 10 17.47 -25.58 -2.91
C THR A 10 18.21 -24.43 -3.56
N VAL A 11 19.32 -24.75 -4.25
CA VAL A 11 20.17 -23.74 -4.88
C VAL A 11 19.45 -23.03 -6.04
N ILE A 12 19.51 -21.70 -6.04
CA ILE A 12 19.02 -20.89 -7.14
C ILE A 12 20.15 -20.71 -8.13
N ALA A 13 21.30 -20.26 -7.63
CA ALA A 13 22.48 -20.08 -8.48
C ALA A 13 23.79 -20.24 -7.70
N SER A 14 24.81 -20.74 -8.40
CA SER A 14 26.18 -20.73 -7.91
C SER A 14 26.88 -19.52 -8.51
N ILE A 15 27.68 -18.83 -7.71
CA ILE A 15 28.52 -17.73 -8.21
C ILE A 15 29.97 -18.23 -8.37
N ASP B 1 17.63 -14.55 -14.57
CA ASP B 1 16.44 -13.75 -14.42
C ASP B 1 16.65 -12.66 -13.39
N TYR B 2 15.57 -11.91 -13.16
CA TYR B 2 15.45 -10.97 -12.04
C TYR B 2 15.85 -11.62 -10.71
N LEU B 3 15.50 -12.89 -10.53
CA LEU B 3 15.72 -13.59 -9.26
C LEU B 3 17.19 -13.55 -8.85
N TYR B 4 18.07 -13.97 -9.75
CA TYR B 4 19.49 -13.98 -9.49
C TYR B 4 19.97 -12.59 -9.05
N PHE B 5 19.60 -11.56 -9.81
CA PHE B 5 20.13 -10.21 -9.58
C PHE B 5 19.51 -9.49 -8.39
N THR B 6 18.24 -9.74 -8.14
CA THR B 6 17.53 -9.14 -7.02
C THR B 6 18.16 -9.69 -5.75
N THR B 7 18.16 -11.02 -5.66
CA THR B 7 18.80 -11.77 -4.59
C THR B 7 20.28 -11.41 -4.40
N LEU B 8 21.07 -11.41 -5.48
CA LEU B 8 22.51 -11.10 -5.37
C LEU B 8 22.77 -9.68 -4.84
N ALA B 9 21.98 -8.71 -5.31
CA ALA B 9 22.15 -7.31 -4.94
C ALA B 9 21.86 -7.05 -3.48
N GLU B 10 20.83 -7.67 -2.91
CA GLU B 10 20.55 -7.49 -1.48
C GLU B 10 21.57 -8.25 -0.64
N ALA B 11 21.96 -9.44 -1.06
CA ALA B 11 23.00 -10.17 -0.37
C ALA B 11 24.29 -9.36 -0.35
N GLN B 12 24.64 -8.76 -1.48
CA GLN B 12 25.90 -8.01 -1.54
C GLN B 12 25.75 -6.60 -0.88
N GLU B 13 24.52 -6.12 -0.76
CA GLU B 13 24.19 -4.98 0.12
C GLU B 13 24.41 -5.28 1.61
N ARG B 14 24.12 -6.51 2.02
CA ARG B 14 24.31 -6.93 3.41
C ARG B 14 25.79 -7.09 3.73
N MET B 15 26.52 -7.73 2.83
CA MET B 15 27.97 -7.88 2.95
C MET B 15 28.64 -6.49 3.06
N TYR B 16 28.26 -5.56 2.20
CA TYR B 16 28.71 -4.16 2.28
C TYR B 16 28.60 -3.65 3.72
N ASP B 17 27.40 -3.69 4.27
CA ASP B 17 27.15 -3.24 5.64
C ASP B 17 28.05 -4.00 6.60
N TYR B 18 28.11 -5.33 6.47
CA TYR B 18 28.92 -6.13 7.36
C TYR B 18 30.37 -5.64 7.37
N LEU B 19 30.92 -5.47 6.17
CA LEU B 19 32.34 -5.13 6.00
C LEU B 19 32.67 -3.75 6.51
N ALA B 20 31.87 -2.76 6.12
CA ALA B 20 32.10 -1.39 6.58
C ALA B 20 32.23 -1.35 8.10
N GLN B 21 31.89 -2.47 8.77
CA GLN B 21 32.07 -2.67 10.22
C GLN B 21 33.32 -3.53 10.49
N ARG B 22 33.34 -4.77 10.01
CA ARG B 22 34.56 -5.64 10.00
C ARG B 22 35.77 -4.91 9.37
N ASP B 23 35.94 -4.98 8.04
CA ASP B 23 37.03 -4.28 7.35
C ASP B 23 36.91 -2.76 7.40
N ASN B 24 36.67 -2.17 8.58
CA ASN B 24 37.08 -0.77 8.87
C ASN B 24 36.45 -0.05 10.07
N VAL B 25 35.23 -0.37 10.49
CA VAL B 25 34.44 0.54 11.37
C VAL B 25 34.54 1.98 10.81
N SER B 26 33.99 2.15 9.61
CA SER B 26 34.26 3.31 8.75
C SER B 26 33.51 4.55 9.20
N ALA B 27 34.22 5.69 9.16
CA ALA B 27 33.65 6.99 9.47
C ALA B 27 32.52 7.40 8.50
N LYS B 28 31.89 8.53 8.82
CA LYS B 28 31.11 9.37 7.87
C LYS B 28 31.71 9.51 6.45
N GLU B 29 33.00 9.17 6.31
CA GLU B 29 33.62 8.69 5.07
C GLU B 29 32.72 7.72 4.26
N LEU B 30 31.80 7.05 4.96
CA LEU B 30 30.77 6.20 4.35
C LEU B 30 29.78 6.98 3.47
N LYS B 31 29.82 8.31 3.57
CA LYS B 31 29.08 9.18 2.66
C LYS B 31 29.96 9.58 1.45
N ASN B 32 31.19 9.06 1.40
CA ASN B 32 32.11 9.33 0.28
C ASN B 32 31.90 8.29 -0.80
N GLU B 33 31.89 8.77 -2.05
CA GLU B 33 31.54 7.96 -3.22
C GLU B 33 32.59 6.89 -3.53
N ALA B 34 33.83 7.19 -3.13
CA ALA B 34 34.97 6.29 -3.39
C ALA B 34 35.04 5.15 -2.36
N THR B 35 34.65 5.45 -1.13
CA THR B 35 34.52 4.42 -0.10
C THR B 35 33.32 3.53 -0.43
N GLN B 36 32.27 4.17 -0.93
CA GLN B 36 31.08 3.42 -1.32
C GLN B 36 31.44 2.37 -2.37
N LYS B 37 32.10 2.78 -3.45
CA LYS B 37 32.49 1.82 -4.48
C LYS B 37 33.41 0.74 -3.94
N PHE B 38 34.35 1.16 -3.09
CA PHE B 38 35.37 0.25 -2.57
C PHE B 38 34.75 -0.93 -1.81
N TYR B 39 33.83 -0.61 -0.91
CA TYR B 39 33.11 -1.63 -0.13
C TYR B 39 32.12 -2.44 -0.95
N ARG B 40 31.63 -1.85 -2.04
CA ARG B 40 30.75 -2.55 -2.97
C ARG B 40 31.55 -3.59 -3.73
N ASP B 41 32.68 -3.15 -4.29
CA ASP B 41 33.64 -4.05 -4.93
C ASP B 41 34.15 -5.14 -3.97
N LEU B 42 34.45 -4.76 -2.74
CA LEU B 42 34.86 -5.74 -1.73
C LEU B 42 33.74 -6.72 -1.37
N ALA B 43 32.53 -6.21 -1.17
CA ALA B 43 31.36 -7.06 -0.90
C ALA B 43 31.16 -8.08 -2.03
N ALA B 44 31.23 -7.59 -3.27
CA ALA B 44 31.14 -8.44 -4.46
C ALA B 44 32.24 -9.51 -4.47
N LYS B 45 33.48 -9.08 -4.27
CA LYS B 45 34.62 -10.01 -4.22
C LYS B 45 34.49 -11.03 -3.08
N GLU B 46 33.91 -10.59 -1.97
CA GLU B 46 33.70 -11.46 -0.83
C GLU B 46 32.81 -12.65 -1.19
N ILE B 47 31.71 -12.38 -1.87
CA ILE B 47 30.71 -13.41 -2.12
C ILE B 47 31.19 -14.37 -3.20
N GLU B 48 31.76 -13.84 -4.27
CA GLU B 48 32.43 -14.65 -5.28
C GLU B 48 33.41 -15.68 -4.70
N ASN B 49 34.21 -15.26 -3.71
CA ASN B 49 35.32 -16.09 -3.21
C ASN B 49 35.07 -16.82 -1.90
N GLY B 50 34.33 -16.20 -0.97
CA GLY B 50 34.20 -16.69 0.41
C GLY B 50 33.40 -17.97 0.65
N GLY B 51 32.92 -18.59 -0.45
CA GLY B 51 32.15 -19.83 -0.36
C GLY B 51 30.94 -19.70 0.55
N TYR B 52 30.21 -18.61 0.41
CA TYR B 52 29.06 -18.31 1.28
C TYR B 52 27.80 -19.05 0.91
N LYS B 53 26.99 -19.37 1.92
CA LYS B 53 25.65 -19.86 1.70
C LYS B 53 24.67 -18.70 1.98
N ILE B 54 23.97 -18.27 0.93
CA ILE B 54 23.03 -17.14 1.00
C ILE B 54 21.61 -17.68 0.90
N THR B 55 20.95 -17.70 2.05
CA THR B 55 19.58 -18.17 2.16
C THR B 55 18.64 -17.00 1.85
N THR B 56 17.79 -17.18 0.83
CA THR B 56 16.79 -16.21 0.47
C THR B 56 15.46 -16.57 1.10
N THR B 57 14.50 -15.66 0.94
CA THR B 57 13.14 -15.84 1.41
C THR B 57 12.26 -16.46 0.31
N ILE B 58 12.76 -16.51 -0.91
CA ILE B 58 11.95 -16.97 -2.03
C ILE B 58 11.48 -18.44 -1.85
N ASP B 59 10.16 -18.64 -1.84
CA ASP B 59 9.52 -19.94 -1.91
C ASP B 59 9.59 -20.41 -3.36
N GLN B 60 10.08 -21.63 -3.56
CA GLN B 60 10.44 -22.11 -4.89
C GLN B 60 9.19 -22.39 -5.71
N LYS B 61 8.24 -23.11 -5.12
CA LYS B 61 7.01 -23.45 -5.79
C LYS B 61 6.16 -22.23 -6.09
N ILE B 62 6.06 -21.32 -5.12
CA ILE B 62 5.25 -20.10 -5.32
C ILE B 62 5.84 -19.17 -6.39
N HIS B 63 7.14 -18.89 -6.33
CA HIS B 63 7.78 -17.97 -7.28
C HIS B 63 7.71 -18.51 -8.71
N SER B 64 8.07 -19.78 -8.84
CA SER B 64 7.91 -20.49 -10.10
C SER B 64 6.46 -20.45 -10.60
N ALA B 65 5.49 -20.67 -9.72
CA ALA B 65 4.08 -20.53 -10.09
C ALA B 65 3.73 -19.11 -10.56
N MET B 66 4.34 -18.11 -9.95
CA MET B 66 4.12 -16.71 -10.34
C MET B 66 4.69 -16.39 -11.73
N GLN B 67 5.84 -16.99 -12.06
CA GLN B 67 6.50 -16.85 -13.38
C GLN B 67 5.66 -17.51 -14.49
N SER B 68 5.02 -18.63 -14.15
CA SER B 68 4.09 -19.32 -15.04
C SER B 68 2.81 -18.52 -15.23
N ALA B 69 2.33 -17.92 -14.14
CA ALA B 69 1.12 -17.11 -14.21
C ALA B 69 1.27 -15.92 -15.16
N VAL B 70 2.38 -15.21 -15.10
CA VAL B 70 2.53 -14.06 -15.98
C VAL B 70 2.76 -14.52 -17.41
N ALA B 71 3.44 -15.66 -17.56
CA ALA B 71 3.66 -16.24 -18.90
C ALA B 71 2.35 -16.66 -19.54
N ASP B 72 1.48 -17.29 -18.77
CA ASP B 72 0.19 -17.79 -19.28
C ASP B 72 -0.91 -16.74 -19.37
N TYR B 73 -0.90 -15.76 -18.46
CA TYR B 73 -2.01 -14.86 -18.31
C TYR B 73 -1.65 -13.38 -18.46
N GLY B 74 -0.38 -13.07 -18.72
CA GLY B 74 0.05 -11.69 -18.91
C GLY B 74 -0.70 -10.99 -20.04
N TYR B 75 -1.14 -11.78 -21.03
CA TYR B 75 -1.80 -11.25 -22.22
C TYR B 75 -3.13 -10.59 -21.86
N LEU B 76 -3.73 -11.02 -20.76
CA LEU B 76 -4.94 -10.38 -20.24
C LEU B 76 -4.74 -8.89 -19.95
N LEU B 77 -3.50 -8.46 -19.73
CA LEU B 77 -3.18 -7.05 -19.48
C LEU B 77 -3.15 -6.15 -20.71
N ASP B 78 -3.15 -6.74 -21.90
CA ASP B 78 -2.92 -5.99 -23.13
C ASP B 78 -4.21 -5.48 -23.71
N ASP B 79 -4.26 -4.19 -24.02
CA ASP B 79 -5.52 -3.47 -24.35
C ASP B 79 -5.46 -2.64 -25.62
N GLY B 80 -4.48 -2.93 -26.47
CA GLY B 80 -4.22 -2.12 -27.65
C GLY B 80 -3.09 -1.12 -27.51
N THR B 81 -2.61 -0.85 -26.27
CA THR B 81 -1.57 0.19 -26.04
C THR B 81 -0.15 -0.36 -26.06
N GLY B 82 -0.02 -1.68 -26.16
CA GLY B 82 1.28 -2.30 -26.26
C GLY B 82 1.36 -3.53 -25.41
N ARG B 83 2.56 -4.06 -25.24
CA ARG B 83 2.77 -5.13 -24.30
C ARG B 83 2.88 -4.52 -22.89
N VAL B 84 1.75 -4.45 -22.20
CA VAL B 84 1.66 -3.80 -20.87
C VAL B 84 2.61 -4.48 -19.87
N GLU B 85 3.47 -3.71 -19.24
CA GLU B 85 4.43 -4.25 -18.27
C GLU B 85 3.85 -4.36 -16.88
N VAL B 86 4.48 -5.18 -16.05
CA VAL B 86 3.85 -5.59 -14.80
C VAL B 86 4.90 -5.79 -13.71
N GLY B 87 4.51 -5.52 -12.48
CA GLY B 87 5.38 -5.84 -11.33
C GLY B 87 4.52 -6.28 -10.18
N ASN B 88 4.91 -7.40 -9.55
CA ASN B 88 4.17 -7.95 -8.42
C ASN B 88 5.16 -8.47 -7.38
N VAL B 89 4.78 -8.29 -6.11
CA VAL B 89 5.60 -8.75 -4.99
C VAL B 89 4.67 -9.34 -3.98
N LEU B 90 4.97 -10.57 -3.56
CA LEU B 90 4.20 -11.31 -2.58
C LEU B 90 4.95 -11.37 -1.27
N MET B 91 4.30 -10.87 -0.21
CA MET B 91 4.98 -10.62 1.07
C MET B 91 4.26 -11.28 2.24
N ASP B 92 5.04 -11.96 3.09
CA ASP B 92 4.56 -12.51 4.34
C ASP B 92 4.30 -11.38 5.34
N ASN B 93 3.05 -11.24 5.78
CA ASN B 93 2.68 -10.05 6.56
C ASN B 93 3.32 -10.03 7.96
N GLN B 94 3.66 -11.19 8.46
CA GLN B 94 4.18 -11.28 9.82
C GLN B 94 5.69 -11.12 9.87
N THR B 95 6.37 -11.05 8.71
CA THR B 95 7.84 -10.99 8.71
C THR B 95 8.49 -10.00 7.75
N GLY B 96 7.73 -9.54 6.75
CA GLY B 96 8.30 -8.74 5.68
C GLY B 96 9.06 -9.59 4.66
N ALA B 97 9.03 -10.92 4.81
CA ALA B 97 9.65 -11.81 3.84
C ALA B 97 8.93 -11.79 2.49
N ILE B 98 9.71 -11.57 1.42
CA ILE B 98 9.23 -11.63 0.05
C ILE B 98 9.32 -13.06 -0.47
N LEU B 99 8.17 -13.69 -0.71
CA LEU B 99 8.10 -15.10 -1.05
C LEU B 99 8.17 -15.38 -2.54
N GLY B 100 7.81 -14.37 -3.35
CA GLY B 100 7.91 -14.46 -4.78
C GLY B 100 7.54 -13.13 -5.40
N PHE B 101 7.96 -12.91 -6.65
CA PHE B 101 7.69 -11.67 -7.36
C PHE B 101 7.62 -11.87 -8.88
N VAL B 102 7.01 -10.90 -9.56
CA VAL B 102 7.03 -10.82 -11.03
C VAL B 102 7.79 -9.54 -11.41
N GLY B 103 8.92 -9.72 -12.09
CA GLY B 103 9.79 -8.63 -12.50
C GLY B 103 9.29 -7.93 -13.75
N GLY B 104 8.42 -8.60 -14.50
CA GLY B 104 7.91 -8.08 -15.78
C GLY B 104 7.39 -9.21 -16.69
N ARG B 105 7.04 -8.82 -17.92
CA ARG B 105 6.43 -9.71 -18.90
C ARG B 105 7.38 -10.77 -19.46
N ASN B 106 8.62 -10.36 -19.71
CA ASN B 106 9.61 -11.26 -20.28
C ASN B 106 11.00 -10.65 -20.15
N TYR B 107 11.81 -11.24 -19.27
CA TYR B 107 13.15 -10.75 -18.95
C TYR B 107 14.06 -10.60 -20.16
N GLN B 108 14.00 -11.58 -21.07
CA GLN B 108 14.84 -11.60 -22.29
C GLN B 108 14.65 -10.42 -23.21
N GLU B 109 13.45 -9.83 -23.21
CA GLU B 109 13.13 -8.72 -24.11
C GLU B 109 13.01 -7.36 -23.40
N ASN B 110 12.94 -7.37 -22.07
CA ASN B 110 12.99 -6.14 -21.25
C ASN B 110 13.61 -6.53 -19.92
N GLN B 111 14.79 -5.98 -19.64
CA GLN B 111 15.53 -6.35 -18.42
C GLN B 111 15.10 -5.52 -17.18
N ASN B 112 14.24 -4.51 -17.35
CA ASN B 112 13.83 -3.68 -16.21
C ASN B 112 13.04 -4.47 -15.16
N ASN B 113 13.48 -4.37 -13.91
CA ASN B 113 12.84 -5.08 -12.81
C ASN B 113 11.70 -4.21 -12.25
N HIS B 114 10.46 -4.53 -12.61
CA HIS B 114 9.29 -3.69 -12.23
C HIS B 114 8.75 -4.01 -10.84
N ALA B 115 9.37 -5.00 -10.19
CA ALA B 115 9.04 -5.32 -8.80
C ALA B 115 9.89 -4.49 -7.83
N PHE B 116 11.18 -4.36 -8.14
CA PHE B 116 12.19 -3.80 -7.24
C PHE B 116 12.85 -2.48 -7.68
N ASP B 117 13.03 -2.24 -8.98
CA ASP B 117 13.80 -1.08 -9.42
C ASP B 117 12.96 0.08 -9.94
N THR B 118 11.91 -0.21 -10.70
CA THR B 118 11.21 0.88 -11.37
C THR B 118 10.29 1.62 -10.37
N LYS B 119 10.26 2.94 -10.49
CA LYS B 119 9.57 3.80 -9.54
C LYS B 119 8.51 4.64 -10.24
N ARG B 120 7.31 4.63 -9.66
CA ARG B 120 6.13 5.19 -10.26
C ARG B 120 5.18 5.69 -9.18
N SER B 121 4.39 6.72 -9.50
CA SER B 121 3.36 7.18 -8.57
C SER B 121 2.41 6.08 -8.13
N PRO B 122 2.26 5.90 -6.79
CA PRO B 122 1.23 5.01 -6.22
C PRO B 122 -0.21 5.48 -6.45
N ALA B 123 -0.39 6.67 -7.05
CA ALA B 123 -1.71 7.25 -7.30
C ALA B 123 -2.63 7.15 -6.06
N SER B 124 -3.88 6.73 -6.22
CA SER B 124 -4.84 6.64 -5.08
C SER B 124 -4.52 5.64 -3.98
N THR B 125 -3.59 4.72 -4.23
CA THR B 125 -3.17 3.78 -3.17
C THR B 125 -2.35 4.45 -2.05
N THR B 126 -1.95 5.70 -2.29
CA THR B 126 -1.32 6.53 -1.26
C THR B 126 -2.32 6.85 -0.12
N LYS B 127 -3.62 6.90 -0.47
CA LYS B 127 -4.63 7.50 0.40
C LYS B 127 -4.79 6.83 1.78
N PRO B 128 -5.02 5.51 1.83
CA PRO B 128 -5.19 4.87 3.13
C PRO B 128 -4.03 5.10 4.09
N LEU B 129 -2.82 5.23 3.54
CA LEU B 129 -1.59 5.31 4.31
C LEU B 129 -1.28 6.73 4.72
N LEU B 130 -1.39 7.65 3.76
CA LEU B 130 -0.85 8.99 3.97
C LEU B 130 -1.88 9.95 4.52
N ALA B 131 -3.14 9.68 4.25
CA ALA B 131 -4.19 10.59 4.64
C ALA B 131 -5.05 9.92 5.67
N TYR B 132 -5.90 9.01 5.25
CA TYR B 132 -6.97 8.47 6.14
C TYR B 132 -6.43 7.71 7.36
N GLY B 133 -5.46 6.84 7.12
CA GLY B 133 -4.85 6.05 8.21
C GLY B 133 -4.24 6.99 9.24
N ILE B 134 -3.54 8.02 8.79
CA ILE B 134 -2.89 8.94 9.73
C ILE B 134 -3.92 9.74 10.48
N ALA B 135 -4.95 10.22 9.77
CA ALA B 135 -5.99 11.01 10.41
C ALA B 135 -6.77 10.23 11.47
N ILE B 136 -7.03 8.98 11.18
CA ILE B 136 -7.63 8.10 12.17
C ILE B 136 -6.67 7.91 13.34
N ASP B 137 -5.37 7.72 13.04
CA ASP B 137 -4.39 7.41 14.07
C ASP B 137 -4.19 8.58 15.06
N GLN B 138 -4.51 9.78 14.60
CA GLN B 138 -4.37 11.00 15.36
C GLN B 138 -5.64 11.43 16.10
N GLY B 139 -6.68 10.60 16.08
CA GLY B 139 -8.01 10.94 16.65
C GLY B 139 -8.77 12.04 15.93
N LEU B 140 -8.53 12.19 14.63
CA LEU B 140 -9.09 13.28 13.85
C LEU B 140 -10.26 12.81 13.03
N MET B 141 -10.42 11.50 12.89
CA MET B 141 -11.60 10.94 12.26
C MET B 141 -11.82 9.49 12.67
N GLY B 142 -13.05 9.02 12.53
CA GLY B 142 -13.40 7.61 12.67
C GLY B 142 -14.09 7.10 11.42
N SER B 143 -14.54 5.85 11.47
CA SER B 143 -14.94 5.09 10.31
C SER B 143 -16.12 5.69 9.54
N GLU B 144 -17.03 6.32 10.26
CA GLU B 144 -18.21 6.93 9.66
C GLU B 144 -18.10 8.44 9.65
N THR B 145 -16.88 8.97 9.63
CA THR B 145 -16.69 10.41 9.60
C THR B 145 -17.06 10.94 8.22
N ILE B 146 -17.67 12.13 8.21
CA ILE B 146 -18.06 12.77 6.97
C ILE B 146 -16.93 13.67 6.43
N LEU B 147 -16.70 13.62 5.13
CA LEU B 147 -15.78 14.49 4.41
C LEU B 147 -16.51 15.25 3.28
N SER B 148 -15.97 16.41 2.89
CA SER B 148 -16.52 17.15 1.76
C SER B 148 -15.99 16.60 0.43
N ASN B 149 -16.90 16.34 -0.51
CA ASN B 149 -16.54 16.12 -1.92
C ASN B 149 -17.14 17.21 -2.81
N TYR B 150 -17.48 18.35 -2.22
CA TYR B 150 -17.89 19.52 -2.96
C TYR B 150 -16.75 20.05 -3.82
N PRO B 151 -17.09 20.62 -4.98
CA PRO B 151 -16.12 21.29 -5.79
C PRO B 151 -15.18 22.21 -4.99
N THR B 152 -13.87 21.99 -5.17
CA THR B 152 -12.86 22.89 -4.67
C THR B 152 -11.66 22.88 -5.61
N ASN B 153 -10.85 23.94 -5.53
CA ASN B 153 -9.68 24.10 -6.40
C ASN B 153 -8.34 23.99 -5.66
N PHE B 154 -7.31 23.65 -6.41
CA PHE B 154 -5.95 23.65 -5.86
C PHE B 154 -5.57 25.10 -5.67
N ALA B 155 -4.48 25.33 -4.93
CA ALA B 155 -4.04 26.68 -4.62
C ALA B 155 -3.76 27.46 -5.89
N ASN B 156 -3.19 26.80 -6.90
CA ASN B 156 -2.98 27.40 -8.22
C ASN B 156 -4.26 27.70 -9.01
N GLY B 157 -5.43 27.39 -8.45
CA GLY B 157 -6.72 27.73 -9.07
C GLY B 157 -7.31 26.68 -10.01
N ASN B 158 -6.67 25.54 -10.19
CA ASN B 158 -7.26 24.46 -11.00
C ASN B 158 -8.14 23.56 -10.14
N PRO B 159 -9.26 23.08 -10.71
CA PRO B 159 -10.19 22.30 -9.92
C PRO B 159 -9.66 20.91 -9.63
N ILE B 160 -9.97 20.42 -8.44
CA ILE B 160 -9.67 19.05 -8.11
C ILE B 160 -10.71 18.23 -8.83
N MET B 161 -10.23 17.41 -9.75
CA MET B 161 -11.06 16.58 -10.62
C MET B 161 -11.09 15.10 -10.20
N TYR B 162 -12.15 14.41 -10.62
CA TYR B 162 -12.23 12.96 -10.51
C TYR B 162 -12.90 12.44 -11.76
N ALA B 163 -12.10 11.83 -12.64
CA ALA B 163 -12.55 11.59 -14.01
C ALA B 163 -13.02 12.93 -14.61
N ASN B 164 -14.28 13.03 -15.04
CA ASN B 164 -14.84 14.30 -15.54
C ASN B 164 -15.65 15.06 -14.49
N SER B 165 -15.82 14.47 -13.31
CA SER B 165 -16.54 15.14 -12.21
C SER B 165 -15.68 16.14 -11.38
N LYS B 166 -16.26 17.32 -11.16
CA LYS B 166 -15.73 18.35 -10.26
C LYS B 166 -16.14 18.14 -8.80
N GLY B 167 -16.90 17.08 -8.54
CA GLY B 167 -17.22 16.68 -7.18
C GLY B 167 -18.71 16.62 -6.97
N THR B 168 -19.14 16.28 -5.76
CA THR B 168 -20.56 16.21 -5.44
C THR B 168 -20.84 16.98 -4.15
N GLY B 169 -21.02 16.27 -3.04
CA GLY B 169 -21.36 16.86 -1.75
C GLY B 169 -20.68 16.12 -0.60
N MET B 170 -21.36 16.08 0.54
CA MET B 170 -20.89 15.33 1.68
C MET B 170 -20.98 13.81 1.46
N MET B 171 -20.03 13.08 2.04
CA MET B 171 -20.06 11.61 1.98
C MET B 171 -19.23 11.03 3.11
N THR B 172 -19.54 9.79 3.46
CA THR B 172 -18.74 9.05 4.44
C THR B 172 -17.38 8.69 3.88
N LEU B 173 -16.47 8.43 4.82
CA LEU B 173 -15.15 7.87 4.54
C LEU B 173 -15.23 6.59 3.70
N GLY B 174 -16.16 5.71 4.04
CA GLY B 174 -16.42 4.51 3.27
C GLY B 174 -16.70 4.78 1.81
N GLU B 175 -17.69 5.64 1.57
CA GLU B 175 -17.96 6.06 0.21
C GLU B 175 -16.73 6.70 -0.49
N ALA B 176 -16.02 7.57 0.24
CA ALA B 176 -14.88 8.28 -0.33
C ALA B 176 -13.85 7.27 -0.79
N LEU B 177 -13.61 6.23 0.01
CA LEU B 177 -12.61 5.21 -0.33
C LEU B 177 -13.08 4.22 -1.39
N ASN B 178 -14.37 3.85 -1.36
CA ASN B 178 -14.88 2.84 -2.32
C ASN B 178 -14.80 3.38 -3.74
N TYR B 179 -15.11 4.68 -3.87
CA TYR B 179 -15.03 5.45 -5.12
C TYR B 179 -13.64 6.03 -5.38
N SER B 180 -12.88 6.25 -4.30
CA SER B 180 -11.55 6.87 -4.40
C SER B 180 -11.68 8.28 -4.91
N TRP B 181 -12.70 8.97 -4.42
CA TRP B 181 -12.84 10.38 -4.69
C TRP B 181 -11.58 11.11 -4.22
N ASN B 182 -11.27 12.23 -4.86
CA ASN B 182 -10.00 12.92 -4.63
C ASN B 182 -10.11 14.07 -3.62
N ILE B 183 -11.21 14.81 -3.68
CA ILE B 183 -11.38 16.00 -2.82
C ILE B 183 -11.28 15.66 -1.32
N PRO B 184 -11.96 14.60 -0.87
CA PRO B 184 -11.88 14.21 0.57
C PRO B 184 -10.47 13.93 1.05
N ALA B 185 -9.66 13.42 0.15
CA ALA B 185 -8.29 13.07 0.38
C ALA B 185 -7.45 14.33 0.49
N TYR B 186 -7.67 15.27 -0.46
CA TYR B 186 -7.07 16.58 -0.39
C TYR B 186 -7.36 17.25 0.96
N TRP B 187 -8.61 17.25 1.39
CA TRP B 187 -8.95 17.92 2.62
C TRP B 187 -8.33 17.21 3.81
N THR B 188 -8.12 15.91 3.72
CA THR B 188 -7.64 15.15 4.87
C THR B 188 -6.18 15.50 5.07
N TYR B 189 -5.40 15.50 3.99
CA TYR B 189 -3.97 15.76 4.14
C TYR B 189 -3.76 17.23 4.51
N ARG B 190 -4.60 18.11 3.99
CA ARG B 190 -4.55 19.51 4.32
C ARG B 190 -4.77 19.73 5.81
N MET B 191 -5.69 18.98 6.40
CA MET B 191 -5.92 19.02 7.85
C MET B 191 -4.71 18.50 8.63
N LEU B 192 -4.07 17.43 8.16
CA LEU B 192 -2.85 16.93 8.83
C LEU B 192 -1.73 17.98 8.81
N ARG B 193 -1.58 18.65 7.67
CA ARG B 193 -0.62 19.74 7.51
C ARG B 193 -0.90 20.88 8.47
N GLU B 194 -2.13 21.37 8.42
CA GLU B 194 -2.58 22.46 9.28
C GLU B 194 -2.40 22.19 10.77
N ASN B 195 -2.49 20.93 11.18
CA ASN B 195 -2.35 20.54 12.58
C ASN B 195 -0.96 20.00 12.92
N GLY B 196 -0.01 20.15 11.99
CA GLY B 196 1.38 19.82 12.26
C GLY B 196 1.65 18.34 12.53
N VAL B 197 0.89 17.46 11.88
CA VAL B 197 1.10 16.02 12.05
C VAL B 197 2.34 15.63 11.27
N ASP B 198 3.18 14.82 11.91
CA ASP B 198 4.43 14.38 11.34
C ASP B 198 4.16 13.23 10.38
N VAL B 199 3.54 13.54 9.25
CA VAL B 199 3.25 12.56 8.22
C VAL B 199 4.56 11.95 7.71
N LYS B 200 5.58 12.77 7.53
CA LYS B 200 6.92 12.31 7.14
C LYS B 200 7.45 11.22 8.06
N GLY B 201 7.29 11.41 9.37
CA GLY B 201 7.69 10.41 10.34
C GLY B 201 7.05 9.05 10.10
N TYR B 202 5.73 9.04 9.95
CA TYR B 202 4.97 7.82 9.65
C TYR B 202 5.51 7.10 8.38
N MET B 203 5.52 7.84 7.27
CA MET B 203 5.97 7.29 5.96
C MET B 203 7.41 6.76 6.00
N GLU B 204 8.31 7.52 6.61
CA GLU B 204 9.72 7.12 6.72
C GLU B 204 9.95 5.91 7.60
N LYS B 205 9.10 5.76 8.60
CA LYS B 205 9.09 4.57 9.44
C LYS B 205 8.73 3.29 8.67
N MET B 206 7.99 3.45 7.58
CA MET B 206 7.72 2.34 6.67
C MET B 206 8.71 2.29 5.51
N GLY B 207 9.67 3.20 5.50
CA GLY B 207 10.75 3.17 4.51
C GLY B 207 10.50 3.99 3.25
N TYR B 208 9.44 4.80 3.24
CA TYR B 208 9.12 5.65 2.09
C TYR B 208 10.02 6.90 2.02
N GLU B 209 10.55 7.13 0.83
CA GLU B 209 11.36 8.29 0.56
C GLU B 209 10.56 9.26 -0.28
N ILE B 210 10.19 10.39 0.33
CA ILE B 210 9.43 11.43 -0.39
C ILE B 210 10.13 12.78 -0.24
N PRO B 211 10.54 13.39 -1.35
CA PRO B 211 11.39 14.61 -1.28
C PRO B 211 10.71 15.88 -0.74
N GLU B 212 9.44 16.08 -1.07
CA GLU B 212 8.73 17.26 -0.64
C GLU B 212 7.32 16.87 -0.19
N TYR B 213 7.03 17.10 1.09
CA TYR B 213 5.69 16.89 1.66
C TYR B 213 4.72 18.08 1.51
N GLY B 214 5.21 19.25 1.14
CA GLY B 214 4.35 20.44 0.95
C GLY B 214 3.58 20.45 -0.37
N ILE B 215 2.89 19.36 -0.69
CA ILE B 215 2.23 19.19 -1.99
C ILE B 215 0.79 18.74 -1.77
N GLU B 216 -0.14 19.48 -2.36
CA GLU B 216 -1.58 19.28 -2.13
C GLU B 216 -2.13 17.94 -2.65
N SER B 217 -1.51 17.44 -3.71
CA SER B 217 -1.97 16.24 -4.36
C SER B 217 -1.20 15.03 -3.85
N LEU B 218 -0.44 15.21 -2.77
CA LEU B 218 0.35 14.12 -2.15
C LEU B 218 -0.48 12.86 -1.84
N PRO B 219 -1.63 13.00 -1.15
CA PRO B 219 -2.46 11.82 -0.88
C PRO B 219 -3.00 11.14 -2.13
N MET B 220 -3.01 11.85 -3.25
CA MET B 220 -3.34 11.27 -4.55
C MET B 220 -2.14 10.76 -5.33
N GLY B 221 -0.95 10.69 -4.74
CA GLY B 221 0.26 10.21 -5.42
C GLY B 221 1.11 11.24 -6.16
N GLY B 222 0.72 12.52 -6.09
CA GLY B 222 1.52 13.64 -6.64
C GLY B 222 2.81 13.87 -5.86
N GLY B 223 3.93 13.92 -6.57
CA GLY B 223 5.23 14.02 -5.96
C GLY B 223 5.70 12.82 -5.18
N ILE B 224 5.16 11.64 -5.51
CA ILE B 224 5.65 10.38 -4.96
C ILE B 224 5.89 9.40 -6.08
N GLU B 225 6.99 8.66 -5.99
CA GLU B 225 7.16 7.51 -6.86
C GLU B 225 7.78 6.40 -6.04
N VAL B 226 7.29 5.17 -6.22
CA VAL B 226 7.70 4.05 -5.34
C VAL B 226 7.85 2.77 -6.12
N THR B 227 8.68 1.86 -5.61
CA THR B 227 8.81 0.51 -6.18
C THR B 227 7.64 -0.32 -5.68
N VAL B 228 7.28 -1.39 -6.41
CA VAL B 228 6.22 -2.26 -5.96
C VAL B 228 6.61 -2.89 -4.63
N ALA B 229 7.86 -3.31 -4.48
CA ALA B 229 8.29 -4.00 -3.25
C ALA B 229 8.10 -3.10 -2.04
N GLN B 230 8.44 -1.82 -2.18
CA GLN B 230 8.33 -0.87 -1.09
C GLN B 230 6.87 -0.58 -0.82
N HIS B 231 6.06 -0.44 -1.86
CA HIS B 231 4.67 -0.07 -1.64
C HIS B 231 3.90 -1.24 -1.05
N THR B 232 4.33 -2.46 -1.37
CA THR B 232 3.79 -3.66 -0.78
C THR B 232 4.02 -3.68 0.75
N ASN B 233 5.19 -3.20 1.16
CA ASN B 233 5.57 -3.14 2.57
C ASN B 233 4.67 -2.21 3.39
N GLY B 234 4.24 -1.09 2.80
CA GLY B 234 3.24 -0.23 3.42
C GLY B 234 1.89 -0.91 3.70
N TYR B 235 1.38 -1.63 2.70
CA TYR B 235 0.17 -2.47 2.87
C TYR B 235 0.37 -3.65 3.85
N GLN B 236 1.56 -4.25 3.86
CA GLN B 236 1.91 -5.24 4.87
C GLN B 236 1.69 -4.63 6.24
N THR B 237 2.20 -3.43 6.41
CA THR B 237 2.04 -2.70 7.65
C THR B 237 0.57 -2.59 8.09
N LEU B 238 -0.31 -2.12 7.21
CA LEU B 238 -1.75 -2.06 7.55
C LEU B 238 -2.37 -3.45 7.78
N ALA B 239 -1.99 -4.41 6.96
CA ALA B 239 -2.52 -5.76 7.06
C ALA B 239 -2.15 -6.40 8.43
N ASN B 240 -0.90 -6.21 8.86
CA ASN B 240 -0.34 -6.79 10.09
C ASN B 240 -0.65 -5.92 11.30
N ASN B 241 -1.93 -5.54 11.43
CA ASN B 241 -2.44 -4.73 12.52
C ASN B 241 -1.58 -3.53 12.92
N GLY B 242 -1.04 -2.86 11.90
CA GLY B 242 -0.29 -1.63 12.09
C GLY B 242 1.19 -1.79 12.32
N VAL B 243 1.66 -3.04 12.31
CA VAL B 243 3.05 -3.37 12.64
C VAL B 243 3.90 -3.64 11.39
N TYR B 244 4.78 -2.69 11.12
CA TYR B 244 5.78 -2.80 10.06
C TYR B 244 6.87 -3.85 10.34
N HIS B 245 7.13 -4.67 9.33
CA HIS B 245 8.34 -5.52 9.24
C HIS B 245 9.03 -5.21 7.93
N GLN B 246 10.32 -4.88 8.00
CA GLN B 246 11.06 -4.43 6.82
C GLN B 246 11.16 -5.49 5.73
N LYS B 247 10.94 -5.07 4.46
CA LYS B 247 10.96 -5.99 3.32
C LYS B 247 12.34 -6.57 3.12
N HIS B 248 12.38 -7.82 2.69
CA HIS B 248 13.67 -8.47 2.43
C HIS B 248 13.56 -9.77 1.66
N VAL B 249 14.63 -10.04 0.93
CA VAL B 249 14.75 -11.25 0.17
C VAL B 249 15.90 -12.15 0.72
N ILE B 250 16.76 -11.60 1.57
CA ILE B 250 17.84 -12.37 2.22
C ILE B 250 17.53 -12.51 3.71
N SER B 251 17.52 -13.76 4.18
CA SER B 251 17.34 -14.07 5.59
C SER B 251 18.66 -14.45 6.31
N LYS B 252 19.62 -15.02 5.59
CA LYS B 252 20.90 -15.39 6.20
C LYS B 252 22.08 -15.48 5.22
N ILE B 253 23.27 -15.13 5.72
CA ILE B 253 24.53 -15.32 5.00
C ILE B 253 25.53 -16.04 5.93
N GLU B 254 25.87 -17.28 5.57
CA GLU B 254 26.83 -18.09 6.33
C GLU B 254 28.11 -18.26 5.51
N ALA B 255 29.25 -17.92 6.12
CA ALA B 255 30.56 -18.17 5.52
C ALA B 255 30.88 -19.66 5.45
N ALA B 256 31.77 -20.00 4.52
CA ALA B 256 32.19 -21.40 4.27
C ALA B 256 32.54 -22.15 5.57
N ASP B 257 33.17 -21.43 6.51
CA ASP B 257 33.61 -22.01 7.79
C ASP B 257 32.51 -22.02 8.87
N GLY B 258 31.26 -21.81 8.46
CA GLY B 258 30.09 -21.98 9.35
C GLY B 258 29.44 -20.70 9.82
N ARG B 259 30.23 -19.63 9.99
CA ARG B 259 29.79 -18.45 10.72
C ARG B 259 28.73 -17.55 10.01
N VAL B 260 27.92 -16.89 10.82
CA VAL B 260 26.80 -16.09 10.35
C VAL B 260 27.22 -14.63 10.24
N VAL B 261 27.52 -14.16 9.04
CA VAL B 261 27.87 -12.75 8.84
C VAL B 261 26.65 -11.83 8.71
N TYR B 262 25.48 -12.39 8.40
CA TYR B 262 24.22 -11.66 8.50
C TYR B 262 23.03 -12.58 8.79
N GLU B 263 22.11 -12.13 9.64
CA GLU B 263 20.85 -12.85 9.83
C GLU B 263 19.67 -11.98 10.27
N TYR B 264 18.52 -12.18 9.61
CA TYR B 264 17.28 -11.45 9.91
C TYR B 264 16.90 -11.57 11.38
N GLN B 265 16.64 -10.43 12.02
CA GLN B 265 16.02 -10.43 13.34
C GLN B 265 14.69 -9.71 13.18
N ASP B 266 13.66 -10.09 13.92
CA ASP B 266 12.41 -9.33 13.80
C ASP B 266 12.48 -8.07 14.67
N LYS B 267 12.29 -6.95 14.00
CA LYS B 267 12.22 -5.66 14.61
C LYS B 267 10.89 -5.10 14.18
N PRO B 268 9.81 -5.54 14.85
CA PRO B 268 8.50 -4.98 14.55
C PRO B 268 8.45 -3.52 14.96
N VAL B 269 7.70 -2.73 14.21
CA VAL B 269 7.51 -1.33 14.52
C VAL B 269 6.03 -1.00 14.40
N GLN B 270 5.42 -0.54 15.49
CA GLN B 270 3.99 -0.19 15.51
C GLN B 270 3.78 1.20 14.91
N VAL B 271 3.60 1.25 13.58
CA VAL B 271 3.51 2.52 12.86
C VAL B 271 2.13 3.17 13.03
N TYR B 272 1.06 2.40 12.87
CA TYR B 272 -0.29 2.84 13.25
C TYR B 272 -0.73 2.03 14.46
N SER B 273 -1.58 2.60 15.32
CA SER B 273 -2.15 1.81 16.42
C SER B 273 -2.91 0.62 15.84
N LYS B 274 -3.01 -0.45 16.61
CA LYS B 274 -3.84 -1.57 16.17
C LYS B 274 -5.31 -1.16 15.96
N ALA B 275 -5.78 -0.18 16.72
CA ALA B 275 -7.14 0.29 16.51
C ALA B 275 -7.23 0.87 15.09
N THR B 276 -6.29 1.71 14.74
CA THR B 276 -6.28 2.33 13.43
C THR B 276 -6.24 1.30 12.30
N ALA B 277 -5.28 0.37 12.40
CA ALA B 277 -5.01 -0.57 11.33
C ALA B 277 -6.23 -1.43 11.12
N THR B 278 -6.84 -1.88 12.21
CA THR B 278 -8.00 -2.77 12.12
C THR B 278 -9.20 -2.04 11.54
N ILE B 279 -9.41 -0.79 11.94
CA ILE B 279 -10.47 0.01 11.34
C ILE B 279 -10.23 0.18 9.81
N MET B 280 -8.97 0.43 9.41
CA MET B 280 -8.67 0.56 8.00
C MET B 280 -8.91 -0.75 7.26
N GLN B 281 -8.65 -1.88 7.91
CA GLN B 281 -8.84 -3.18 7.27
C GLN B 281 -10.27 -3.36 6.84
N GLY B 282 -11.19 -2.99 7.73
CA GLY B 282 -12.60 -3.03 7.42
C GLY B 282 -13.04 -2.10 6.32
N LEU B 283 -12.42 -0.94 6.23
CA LEU B 283 -12.66 -0.01 5.10
C LEU B 283 -12.16 -0.56 3.75
N LEU B 284 -10.94 -1.09 3.73
CA LEU B 284 -10.35 -1.67 2.54
C LEU B 284 -11.03 -2.98 2.07
N ARG B 285 -11.62 -3.73 3.00
CA ARG B 285 -12.49 -4.88 2.64
C ARG B 285 -13.62 -4.43 1.72
N GLU B 286 -14.32 -3.36 2.13
CA GLU B 286 -15.44 -2.82 1.34
C GLU B 286 -15.01 -2.18 0.02
N VAL B 287 -13.78 -1.68 -0.06
CA VAL B 287 -13.25 -1.20 -1.32
C VAL B 287 -13.29 -2.31 -2.36
N LEU B 288 -12.89 -3.53 -1.99
CA LEU B 288 -12.92 -4.63 -2.94
C LEU B 288 -14.35 -5.16 -3.14
N SER B 289 -15.06 -5.33 -2.02
CA SER B 289 -16.38 -5.94 -2.06
C SER B 289 -17.40 -5.07 -2.82
N SER B 290 -17.27 -3.74 -2.71
CA SER B 290 -18.14 -2.81 -3.40
C SER B 290 -18.04 -2.91 -4.94
N ARG B 291 -16.87 -3.28 -5.45
CA ARG B 291 -16.65 -3.51 -6.88
C ARG B 291 -16.75 -2.25 -7.73
N VAL B 292 -16.61 -1.09 -7.10
CA VAL B 292 -16.76 0.18 -7.80
C VAL B 292 -15.52 0.41 -8.66
N THR B 293 -14.35 0.14 -8.09
CA THR B 293 -13.11 0.45 -8.77
C THR B 293 -12.33 -0.76 -9.23
N THR B 294 -12.88 -1.95 -9.03
CA THR B 294 -12.15 -3.19 -9.37
C THR B 294 -13.09 -4.38 -9.40
N THR B 295 -12.97 -5.17 -10.47
CA THR B 295 -13.71 -6.42 -10.67
C THR B 295 -13.03 -7.62 -10.00
N PHE B 296 -11.94 -7.36 -9.28
CA PHE B 296 -11.13 -8.42 -8.64
C PHE B 296 -11.96 -9.52 -7.99
N LYS B 297 -12.79 -9.18 -6.98
CA LYS B 297 -13.53 -10.22 -6.24
C LYS B 297 -14.45 -11.07 -7.11
N SER B 298 -15.06 -10.46 -8.14
CA SER B 298 -15.81 -11.22 -9.16
C SER B 298 -14.92 -12.14 -9.96
N ASN B 299 -13.83 -11.59 -10.48
CA ASN B 299 -12.87 -12.37 -11.28
C ASN B 299 -12.39 -13.58 -10.53
N LEU B 300 -12.02 -13.37 -9.28
CA LEU B 300 -11.54 -14.44 -8.42
C LEU B 300 -12.61 -15.48 -8.12
N THR B 301 -13.85 -15.04 -7.94
CA THR B 301 -14.96 -15.95 -7.65
C THR B 301 -15.15 -16.90 -8.82
N SER B 302 -15.06 -16.38 -10.04
CA SER B 302 -15.26 -17.21 -11.20
C SER B 302 -14.18 -18.27 -11.33
N LEU B 303 -13.00 -18.01 -10.78
CA LEU B 303 -11.88 -18.95 -10.82
C LEU B 303 -11.91 -19.95 -9.67
N ASN B 304 -12.13 -19.44 -8.47
CA ASN B 304 -11.95 -20.21 -7.24
C ASN B 304 -12.85 -19.59 -6.17
N PRO B 305 -14.13 -19.98 -6.15
CA PRO B 305 -15.07 -19.46 -5.13
C PRO B 305 -14.61 -19.59 -3.69
N THR B 306 -13.95 -20.67 -3.31
CA THR B 306 -13.57 -20.87 -1.91
C THR B 306 -12.48 -19.87 -1.51
N LEU B 307 -11.56 -19.61 -2.45
CA LEU B 307 -10.51 -18.64 -2.28
C LEU B 307 -11.06 -17.19 -2.31
N ALA B 308 -12.03 -16.93 -3.18
CA ALA B 308 -12.74 -15.66 -3.12
C ALA B 308 -13.31 -15.35 -1.71
N ASN B 309 -13.62 -16.39 -0.92
CA ASN B 309 -14.13 -16.19 0.43
C ASN B 309 -13.05 -16.04 1.52
N ALA B 310 -11.77 -16.07 1.17
CA ALA B 310 -10.76 -15.62 2.12
C ALA B 310 -11.02 -14.11 2.34
N ASP B 311 -10.46 -13.54 3.40
CA ASP B 311 -10.81 -12.19 3.82
C ASP B 311 -9.88 -11.18 3.11
N TRP B 312 -10.29 -10.81 1.90
CA TRP B 312 -9.51 -9.94 1.03
C TRP B 312 -9.83 -8.50 1.33
N ILE B 313 -8.77 -7.72 1.46
CA ILE B 313 -8.85 -6.29 1.58
C ILE B 313 -7.86 -5.73 0.56
N GLY B 314 -8.08 -4.48 0.15
CA GLY B 314 -7.11 -3.81 -0.72
C GLY B 314 -7.52 -2.43 -1.22
N LYS B 315 -6.71 -1.86 -2.09
CA LYS B 315 -6.93 -0.55 -2.66
C LYS B 315 -6.40 -0.51 -4.08
N THR B 316 -7.14 0.21 -4.91
CA THR B 316 -6.80 0.53 -6.31
C THR B 316 -6.20 1.92 -6.46
N GLY B 317 -5.49 2.10 -7.56
CA GLY B 317 -4.95 3.42 -7.93
C GLY B 317 -4.86 3.52 -9.43
N THR B 318 -4.98 4.75 -9.94
CA THR B 318 -4.80 5.05 -11.38
C THR B 318 -4.30 6.49 -11.51
N THR B 319 -3.14 6.67 -12.12
CA THR B 319 -2.60 8.01 -12.34
C THR B 319 -3.50 8.81 -13.31
N ASN B 320 -3.39 10.14 -13.21
CA ASN B 320 -4.19 11.12 -14.01
C ASN B 320 -4.43 10.78 -15.49
N GLN B 321 -3.39 10.33 -16.17
CA GLN B 321 -3.52 10.04 -17.60
C GLN B 321 -3.57 8.54 -17.86
N ASP B 322 -3.95 7.78 -16.82
CA ASP B 322 -4.05 6.33 -16.92
C ASP B 322 -2.72 5.68 -17.31
N GLU B 323 -1.61 6.28 -16.88
CA GLU B 323 -0.29 5.75 -17.24
C GLU B 323 0.19 4.67 -16.28
N ASN B 324 -0.44 4.60 -15.10
CA ASN B 324 -0.15 3.66 -14.03
C ASN B 324 -1.42 3.14 -13.40
N MET B 325 -1.57 1.84 -13.30
CA MET B 325 -2.66 1.25 -12.51
C MET B 325 -2.02 0.41 -11.41
N TRP B 326 -2.63 0.44 -10.24
CA TRP B 326 -2.18 -0.34 -9.09
C TRP B 326 -3.35 -1.08 -8.46
N LEU B 327 -3.08 -2.27 -7.94
CA LEU B 327 -4.03 -2.98 -7.10
C LEU B 327 -3.20 -3.68 -6.03
N MET B 328 -3.50 -3.37 -4.77
CA MET B 328 -2.79 -3.91 -3.61
C MET B 328 -3.76 -4.80 -2.87
N LEU B 329 -3.34 -6.02 -2.55
CA LEU B 329 -4.25 -7.02 -1.94
C LEU B 329 -3.65 -7.64 -0.69
N SER B 330 -4.48 -7.79 0.34
CA SER B 330 -4.07 -8.48 1.55
C SER B 330 -5.09 -9.49 2.06
N THR B 331 -4.59 -10.63 2.52
CA THR B 331 -5.29 -11.46 3.50
C THR B 331 -4.50 -11.25 4.79
N PRO B 332 -5.03 -11.72 5.93
CA PRO B 332 -4.26 -11.58 7.16
C PRO B 332 -2.81 -12.02 7.04
N ARG B 333 -2.56 -13.09 6.28
CA ARG B 333 -1.25 -13.68 6.12
C ARG B 333 -0.32 -13.05 5.07
N LEU B 334 -0.86 -12.70 3.91
CA LEU B 334 0.00 -12.23 2.80
C LEU B 334 -0.53 -10.94 2.19
N THR B 335 0.40 -10.13 1.73
CA THR B 335 0.09 -8.98 0.90
C THR B 335 0.74 -9.21 -0.46
N LEU B 336 -0.01 -8.94 -1.53
CA LEU B 336 0.46 -9.00 -2.91
C LEU B 336 0.24 -7.64 -3.57
N GLY B 337 1.33 -6.94 -3.86
CA GLY B 337 1.27 -5.67 -4.59
C GLY B 337 1.28 -5.90 -6.08
N GLY B 338 0.53 -5.09 -6.82
CA GLY B 338 0.54 -5.10 -8.27
C GLY B 338 0.52 -3.72 -8.90
N TRP B 339 1.45 -3.51 -9.85
CA TRP B 339 1.50 -2.35 -10.74
C TRP B 339 1.48 -2.82 -12.21
N ILE B 340 0.73 -2.13 -13.06
CA ILE B 340 0.91 -2.25 -14.53
C ILE B 340 1.09 -0.89 -15.17
N GLY B 341 1.75 -0.87 -16.31
CA GLY B 341 2.08 0.38 -17.01
C GLY B 341 3.08 0.10 -18.12
N HIS B 342 3.61 1.16 -18.72
CA HIS B 342 4.62 1.08 -19.79
C HIS B 342 5.88 1.82 -19.37
N ASP B 343 7.05 1.32 -19.76
CA ASP B 343 8.32 1.98 -19.36
C ASP B 343 8.41 3.41 -19.91
N ASP B 344 7.85 3.64 -21.09
CA ASP B 344 7.84 4.96 -21.73
C ASP B 344 6.63 5.81 -21.35
N ASN B 345 5.80 5.33 -20.43
CA ASN B 345 4.77 6.17 -19.80
C ASN B 345 3.56 6.48 -20.69
N HIS B 346 3.38 5.70 -21.76
CA HIS B 346 2.17 5.80 -22.58
C HIS B 346 0.96 5.45 -21.75
N SER B 347 -0.15 6.08 -22.08
CA SER B 347 -1.43 5.84 -21.44
C SER B 347 -1.93 4.42 -21.68
N LEU B 348 -2.42 3.79 -20.62
CA LEU B 348 -3.21 2.56 -20.73
C LEU B 348 -4.65 2.90 -21.05
N SER B 349 -5.45 1.89 -21.33
CA SER B 349 -6.89 2.08 -21.51
C SER B 349 -7.53 2.39 -20.15
N ARG B 350 -8.71 3.00 -20.21
CA ARG B 350 -9.34 3.50 -19.03
C ARG B 350 -9.81 2.40 -18.07
N ARG B 351 -10.12 1.22 -18.61
CA ARG B 351 -10.48 0.04 -17.80
C ARG B 351 -9.28 -0.86 -17.46
N ALA B 352 -8.05 -0.41 -17.75
CA ALA B 352 -6.85 -1.25 -17.57
C ALA B 352 -6.64 -1.73 -16.10
N GLY B 353 -6.92 -0.85 -15.15
CA GLY B 353 -6.84 -1.19 -13.73
C GLY B 353 -8.13 -1.78 -13.21
N TYR B 354 -9.26 -1.21 -13.61
CA TYR B 354 -10.56 -1.67 -13.14
C TYR B 354 -10.80 -3.14 -13.45
N SER B 355 -10.41 -3.52 -14.67
CA SER B 355 -10.69 -4.82 -15.24
C SER B 355 -9.45 -5.69 -15.47
N ASN B 356 -8.53 -5.22 -16.31
CA ASN B 356 -7.46 -6.09 -16.81
C ASN B 356 -6.49 -6.51 -15.72
N ASN B 357 -5.95 -5.55 -14.98
CA ASN B 357 -5.03 -5.86 -13.86
C ASN B 357 -5.73 -6.68 -12.78
N SER B 358 -6.99 -6.34 -12.52
CA SER B 358 -7.81 -7.06 -11.58
C SER B 358 -7.99 -8.52 -11.98
N ASN B 359 -8.30 -8.76 -13.24
CA ASN B 359 -8.51 -10.10 -13.74
C ASN B 359 -7.20 -10.82 -13.72
N TYR B 360 -6.16 -10.22 -14.30
CA TYR B 360 -4.80 -10.81 -14.25
C TYR B 360 -4.39 -11.21 -12.82
N MET B 361 -4.57 -10.30 -11.85
CA MET B 361 -4.11 -10.57 -10.47
C MET B 361 -4.95 -11.67 -9.79
N ALA B 362 -6.23 -11.75 -10.08
CA ALA B 362 -7.07 -12.89 -9.63
C ALA B 362 -6.51 -14.22 -10.11
N HIS B 363 -6.01 -14.23 -11.35
CA HIS B 363 -5.29 -15.40 -11.89
C HIS B 363 -4.00 -15.67 -11.15
N LEU B 364 -3.27 -14.61 -10.84
CA LEU B 364 -2.00 -14.71 -10.09
C LEU B 364 -2.26 -15.25 -8.68
N VAL B 365 -3.28 -14.71 -8.01
CA VAL B 365 -3.71 -15.19 -6.70
C VAL B 365 -4.03 -16.71 -6.72
N ASN B 366 -4.73 -17.17 -7.73
CA ASN B 366 -5.11 -18.57 -7.83
C ASN B 366 -3.87 -19.47 -8.10
N ALA B 367 -2.96 -19.00 -8.96
CA ALA B 367 -1.76 -19.77 -9.29
C ALA B 367 -0.91 -19.96 -8.05
N ILE B 368 -0.75 -18.89 -7.27
CA ILE B 368 -0.05 -18.94 -5.99
C ILE B 368 -0.65 -19.98 -5.06
N GLN B 369 -1.97 -19.99 -4.99
CA GLN B 369 -2.69 -20.94 -4.14
C GLN B 369 -2.57 -22.41 -4.59
N GLN B 370 -2.62 -22.65 -5.90
CA GLN B 370 -2.43 -24.01 -6.43
C GLN B 370 -1.00 -24.50 -6.15
N ALA B 371 -0.08 -23.56 -6.06
CA ALA B 371 1.30 -23.88 -5.77
C ALA B 371 1.53 -24.14 -4.27
N SER B 372 0.64 -23.64 -3.40
CA SER B 372 0.78 -23.70 -1.94
C SER B 372 -0.61 -23.51 -1.28
N PRO B 373 -1.45 -24.56 -1.31
CA PRO B 373 -2.85 -24.49 -0.93
C PRO B 373 -3.28 -23.75 0.35
N SER B 374 -2.62 -23.95 1.47
CA SER B 374 -3.08 -23.27 2.68
C SER B 374 -2.64 -21.78 2.79
N ILE B 375 -1.92 -21.27 1.79
CA ILE B 375 -1.01 -20.14 2.06
C ILE B 375 -1.71 -18.79 2.25
N TRP B 376 -2.83 -18.58 1.60
CA TRP B 376 -3.55 -17.30 1.74
C TRP B 376 -4.25 -17.24 3.10
N GLY B 377 -4.74 -18.39 3.57
CA GLY B 377 -5.25 -18.53 4.93
C GLY B 377 -6.75 -18.29 5.04
N ASN B 378 -7.36 -18.83 6.10
CA ASN B 378 -8.80 -18.63 6.41
C ASN B 378 -8.98 -17.67 7.55
N GLU B 379 -7.91 -17.05 8.04
CA GLU B 379 -8.06 -16.09 9.12
C GLU B 379 -8.84 -14.89 8.58
N ARG B 380 -9.56 -14.20 9.46
CA ARG B 380 -10.26 -12.97 9.14
C ARG B 380 -9.72 -11.79 9.89
N PHE B 381 -9.75 -10.62 9.24
CA PHE B 381 -9.42 -9.38 9.91
C PHE B 381 -10.55 -9.05 10.92
N ALA B 382 -10.17 -8.44 12.04
CA ALA B 382 -11.16 -8.09 13.07
C ALA B 382 -10.69 -6.87 13.83
N LEU B 383 -11.66 -6.08 14.28
CA LEU B 383 -11.42 -4.91 15.10
C LEU B 383 -10.60 -5.26 16.32
N ASP B 384 -9.59 -4.46 16.61
CA ASP B 384 -8.87 -4.66 17.85
C ASP B 384 -9.76 -4.20 19.01
N PRO B 385 -9.69 -4.89 20.17
CA PRO B 385 -10.57 -4.47 21.30
C PRO B 385 -10.30 -3.05 21.82
N SER B 386 -9.11 -2.52 21.54
CA SER B 386 -8.77 -1.12 21.81
C SER B 386 -9.60 -0.08 21.03
N VAL B 387 -10.30 -0.53 19.98
CA VAL B 387 -11.18 0.33 19.21
C VAL B 387 -12.36 0.89 20.03
N VAL B 388 -12.60 2.18 19.89
CA VAL B 388 -13.65 2.90 20.60
C VAL B 388 -14.85 3.05 19.67
N LYS B 389 -16.02 2.72 20.19
CA LYS B 389 -17.28 2.72 19.45
C LYS B 389 -18.10 3.89 19.87
N SER B 390 -18.53 4.68 18.88
CA SER B 390 -19.35 5.83 19.13
C SER B 390 -20.56 5.72 18.25
N GLU B 391 -21.74 5.86 18.86
CA GLU B 391 -22.98 5.98 18.11
C GLU B 391 -23.05 7.39 17.62
N VAL B 392 -23.11 7.55 16.32
CA VAL B 392 -23.09 8.88 15.67
C VAL B 392 -24.26 9.00 14.69
N LEU B 393 -24.70 10.23 14.45
CA LEU B 393 -25.63 10.53 13.37
C LEU B 393 -25.01 10.17 12.04
N LYS B 394 -25.73 9.44 11.21
CA LYS B 394 -25.25 9.16 9.84
C LYS B 394 -25.00 10.47 9.08
N SER B 395 -25.85 11.46 9.30
CA SER B 395 -25.85 12.68 8.50
C SER B 395 -24.60 13.52 8.77
N THR B 396 -24.15 13.55 10.04
CA THR B 396 -23.01 14.38 10.45
C THR B 396 -21.75 13.59 10.78
N GLY B 397 -21.90 12.30 11.05
CA GLY B 397 -20.78 11.46 11.46
C GLY B 397 -20.34 11.72 12.89
N GLN B 398 -21.14 12.51 13.61
CA GLN B 398 -20.85 12.92 14.98
C GLN B 398 -22.07 12.64 15.89
N LYS B 399 -21.86 12.69 17.20
CA LYS B 399 -22.95 12.35 18.12
C LYS B 399 -24.07 13.37 18.02
N PRO B 400 -25.32 12.91 18.24
CA PRO B 400 -26.49 13.80 18.28
C PRO B 400 -26.34 14.93 19.29
N GLY B 401 -26.76 16.12 18.90
CA GLY B 401 -26.61 17.31 19.72
C GLY B 401 -27.20 18.55 19.08
N LYS B 402 -27.18 19.66 19.82
CA LYS B 402 -27.75 20.91 19.32
C LYS B 402 -26.68 21.74 18.61
N VAL B 403 -27.14 22.51 17.65
CA VAL B 403 -26.25 23.29 16.78
C VAL B 403 -26.99 24.54 16.39
N SER B 404 -26.26 25.64 16.26
CA SER B 404 -26.85 26.85 15.72
C SER B 404 -26.70 26.86 14.19
N VAL B 405 -27.82 27.00 13.49
CA VAL B 405 -27.81 27.05 12.03
C VAL B 405 -28.50 28.35 11.63
N GLU B 406 -27.70 29.32 11.24
CA GLU B 406 -28.11 30.72 11.06
C GLU B 406 -29.15 31.21 12.06
N GLY B 407 -28.68 31.45 13.28
CA GLY B 407 -29.57 31.71 14.41
C GLY B 407 -30.30 30.42 14.69
N LYS B 408 -31.08 30.39 15.73
CA LYS B 408 -31.89 29.20 16.04
C LYS B 408 -31.08 27.94 16.34
N GLU B 409 -31.26 27.46 17.56
CA GLU B 409 -30.76 26.19 17.98
C GLU B 409 -31.53 25.11 17.23
N VAL B 410 -30.82 24.15 16.66
CA VAL B 410 -31.42 22.98 16.08
C VAL B 410 -30.99 21.80 16.93
N GLU B 411 -31.96 20.99 17.32
CA GLU B 411 -31.64 19.72 17.95
C GLU B 411 -31.40 18.75 16.81
N VAL B 412 -30.15 18.37 16.59
CA VAL B 412 -29.86 17.51 15.46
C VAL B 412 -30.04 16.03 15.88
N THR B 413 -30.94 15.35 15.18
CA THR B 413 -31.27 13.95 15.43
C THR B 413 -31.49 13.25 14.09
N GLY B 414 -31.78 11.95 14.17
CA GLY B 414 -31.97 11.12 12.98
C GLY B 414 -31.33 9.75 13.13
N SER B 415 -31.26 9.02 12.03
CA SER B 415 -30.71 7.65 12.04
C SER B 415 -29.24 7.66 12.41
N THR B 416 -28.84 6.76 13.31
CA THR B 416 -27.45 6.73 13.85
C THR B 416 -26.71 5.50 13.39
N VAL B 417 -25.44 5.40 13.75
CA VAL B 417 -24.62 4.31 13.27
C VAL B 417 -23.44 4.20 14.20
N THR B 418 -22.90 3.00 14.34
CA THR B 418 -21.74 2.81 15.18
C THR B 418 -20.51 3.21 14.37
N SER B 419 -19.80 4.24 14.81
CA SER B 419 -18.54 4.66 14.15
C SER B 419 -17.36 4.22 14.99
N TYR B 420 -16.30 3.72 14.34
CA TYR B 420 -15.12 3.21 15.01
C TYR B 420 -13.97 4.21 15.01
N TRP B 421 -13.45 4.49 16.20
CA TRP B 421 -12.40 5.49 16.40
C TRP B 421 -11.15 4.85 16.98
N ALA B 422 -10.02 5.55 16.86
CA ALA B 422 -8.73 5.06 17.40
C ALA B 422 -8.09 6.04 18.41
N ASN B 423 -8.96 6.81 19.06
CA ASN B 423 -8.58 7.71 20.13
C ASN B 423 -9.12 7.09 21.44
N LYS B 424 -9.35 7.90 22.47
CA LYS B 424 -9.72 7.39 23.77
C LYS B 424 -11.21 7.63 24.05
N SER B 425 -11.71 8.78 23.62
CA SER B 425 -13.08 9.17 23.86
C SER B 425 -14.01 9.03 22.64
N GLY B 426 -13.50 8.56 21.52
CA GLY B 426 -14.33 8.38 20.35
C GLY B 426 -14.79 9.68 19.72
N ALA B 427 -15.99 9.66 19.16
CA ALA B 427 -16.52 10.76 18.37
C ALA B 427 -16.94 11.93 19.26
N PRO B 428 -16.78 13.15 18.74
CA PRO B 428 -17.32 14.29 19.44
C PRO B 428 -18.80 14.47 19.17
N ALA B 429 -19.42 15.35 19.94
CA ALA B 429 -20.74 15.86 19.64
C ALA B 429 -20.65 16.63 18.36
N THR B 430 -21.78 16.68 17.64
CA THR B 430 -21.91 17.40 16.39
C THR B 430 -21.69 18.91 16.57
N SER B 431 -20.89 19.50 15.67
CA SER B 431 -20.72 20.97 15.59
C SER B 431 -21.02 21.40 14.17
N TYR B 432 -21.11 22.71 13.94
CA TYR B 432 -21.49 23.20 12.63
C TYR B 432 -20.60 22.69 11.51
N ARG B 433 -19.28 22.81 11.66
CA ARG B 433 -18.41 22.13 10.70
C ARG B 433 -18.09 20.71 11.12
N PHE B 434 -19.07 19.86 10.84
CA PHE B 434 -19.05 18.47 11.25
C PHE B 434 -18.12 17.59 10.38
N ALA B 435 -17.83 18.05 9.16
CA ALA B 435 -17.09 17.25 8.19
C ALA B 435 -15.63 17.70 8.01
N ILE B 436 -14.85 16.84 7.39
CA ILE B 436 -13.49 17.18 7.00
C ILE B 436 -13.53 17.94 5.66
N GLY B 437 -13.14 19.21 5.70
CA GLY B 437 -13.24 20.08 4.54
C GLY B 437 -14.61 20.75 4.38
N GLY B 438 -14.73 21.63 3.40
CA GLY B 438 -15.99 22.32 3.10
C GLY B 438 -15.90 23.83 3.26
N SER B 439 -16.45 24.55 2.29
CA SER B 439 -16.56 26.02 2.37
C SER B 439 -17.84 26.40 3.07
N ASP B 440 -17.97 27.69 3.40
CA ASP B 440 -19.18 28.16 4.05
C ASP B 440 -20.41 27.96 3.17
N ALA B 441 -20.22 28.10 1.85
CA ALA B 441 -21.28 27.80 0.88
C ALA B 441 -21.63 26.30 0.88
N ASP B 442 -20.61 25.45 1.00
CA ASP B 442 -20.86 24.00 1.06
C ASP B 442 -21.73 23.63 2.26
N TYR B 443 -21.34 24.15 3.42
CA TYR B 443 -22.06 23.91 4.67
C TYR B 443 -23.45 24.52 4.69
N GLN B 444 -23.69 25.62 3.99
CA GLN B 444 -25.07 26.13 3.88
C GLN B 444 -25.96 25.13 3.15
N ASN B 445 -25.41 24.58 2.06
CA ASN B 445 -26.07 23.55 1.30
C ASN B 445 -26.29 22.31 2.17
N ALA B 446 -25.22 21.81 2.80
CA ALA B 446 -25.30 20.59 3.60
C ALA B 446 -26.28 20.69 4.76
N TRP B 447 -26.24 21.78 5.53
CA TRP B 447 -27.16 21.96 6.66
C TRP B 447 -28.60 22.17 6.22
N SER B 448 -28.80 22.78 5.05
CA SER B 448 -30.15 22.87 4.50
C SER B 448 -30.76 21.46 4.34
N SER B 449 -30.09 20.58 3.61
CA SER B 449 -30.46 19.16 3.54
C SER B 449 -30.72 18.52 4.91
N ILE B 450 -29.78 18.64 5.84
CA ILE B 450 -29.98 18.05 7.16
C ILE B 450 -31.27 18.60 7.78
N VAL B 451 -31.38 19.93 7.82
CA VAL B 451 -32.53 20.60 8.45
C VAL B 451 -33.91 20.20 7.84
N GLY B 452 -33.96 19.82 6.55
CA GLY B 452 -35.03 18.94 6.05
C GLY B 452 -34.88 17.61 6.77
N SER B 453 -35.34 17.54 8.02
CA SER B 453 -34.98 16.47 8.95
C SER B 453 -35.59 15.15 8.52
NI NI C . 3.48 2.87 -26.55
#